data_9JQ1
#
_entry.id   9JQ1
#
_cell.length_a   146.010
_cell.length_b   146.010
_cell.length_c   146.010
_cell.angle_alpha   90.000
_cell.angle_beta   90.000
_cell.angle_gamma   90.000
#
_symmetry.space_group_name_H-M   'I 2 3'
#
loop_
_entity.id
_entity.type
_entity.pdbx_description
1 polymer 'Epidermal growth factor receptor'
2 non-polymer 2,2-bis(chloranyl)-~{N}-[5-[[5-chloranyl-4-[(2-dimethylphosphorylphenyl)amino]pyrimidin-2-yl]amino]-4-methoxy-2-[4-(4-methylpiperazin-1-yl)piperidin-1-yl]phenyl]ethanamide
3 water water
#
_entity_poly.entity_id   1
_entity_poly.type   'polypeptide(L)'
_entity_poly.pdbx_seq_one_letter_code
;GSPSGEAPNQALLRILKETEFKKIKVLGSGAFGTVYKGLWIPEGEKVKIPVAIKELREATSPKANKEILDEAYVMASVDN
PHVCRLLGICLTSTVQLIMQLMPFGSLLDYVREHKDNIGSQYLLNWCVQIAKGMNYLEDRRLVHRDLAARNVLVKTPQHV
KITDFGRAKLLGAEEKEYHAEGGKVPIKWMALESILHRIYTHQSDVWSYGVTVWELMTFGSKPYDGIPASEISSILEKGE
RLPQPPICTIDVYMIMVKCWMIDADSRPKFRELIIEFSKMARDPQRYLVIQGDERMHLPSPTDSNFYRALMDEEDMDDVV
DADEYLIPQ
;
_entity_poly.pdbx_strand_id   A
#
loop_
_chem_comp.id
_chem_comp.type
_chem_comp.name
_chem_comp.formula
A1ECU non-polymer 2,2-bis(chloranyl)-~{N}-[5-[[5-chloranyl-4-[(2-dimethylphosphorylphenyl)amino]pyrimidin-2-yl]amino]-4-methoxy-2-[4-(4-methylpiperazin-1-yl)piperidin-1-yl]phenyl]ethanamide 'C31 H40 Cl3 N8 O3 P'
#
# COMPACT_ATOMS: atom_id res chain seq x y z
N GLU A 6 5.13 1.00 23.72
CA GLU A 6 6.05 1.38 24.79
C GLU A 6 7.43 0.67 24.64
N ALA A 7 7.57 -0.10 23.57
CA ALA A 7 8.79 -0.83 23.21
C ALA A 7 9.76 0.07 22.43
N PRO A 8 11.06 -0.02 22.72
CA PRO A 8 12.03 0.91 22.10
C PRO A 8 12.27 0.57 20.64
N ASN A 9 12.11 1.56 19.77
CA ASN A 9 12.20 1.34 18.32
C ASN A 9 13.68 1.39 17.89
N GLN A 10 14.36 0.27 18.07
CA GLN A 10 15.78 0.20 17.80
C GLN A 10 16.09 0.12 16.33
N ALA A 11 15.20 0.56 15.44
CA ALA A 11 15.50 0.58 14.03
C ALA A 11 16.77 1.42 13.74
N LEU A 12 17.38 1.15 12.60
CA LEU A 12 18.54 1.89 12.14
C LEU A 12 18.15 2.74 10.96
N LEU A 13 18.43 4.04 11.04
CA LEU A 13 18.29 4.93 9.91
C LEU A 13 19.63 4.98 9.21
N ARG A 14 19.66 4.63 7.93
CA ARG A 14 20.88 4.63 7.18
C ARG A 14 20.93 5.88 6.31
N ILE A 15 22.00 6.64 6.45
CA ILE A 15 22.25 7.82 5.62
C ILE A 15 23.18 7.40 4.49
N LEU A 16 22.82 7.78 3.27
CA LEU A 16 23.56 7.35 2.09
C LEU A 16 24.28 8.56 1.50
N LYS A 17 25.55 8.37 1.13
CA LYS A 17 26.26 9.40 0.37
C LYS A 17 25.54 9.63 -0.95
N GLU A 18 25.30 10.89 -1.30
CA GLU A 18 24.62 11.16 -2.57
C GLU A 18 25.42 10.69 -3.77
N THR A 19 26.69 10.34 -3.58
CA THR A 19 27.50 9.84 -4.67
C THR A 19 27.25 8.35 -4.93
N GLU A 20 26.92 7.58 -3.89
CA GLU A 20 26.74 6.15 -4.01
C GLU A 20 25.65 5.76 -5.01
N PHE A 21 24.75 6.67 -5.37
CA PHE A 21 23.69 6.31 -6.28
C PHE A 21 23.63 7.29 -7.45
N LYS A 22 22.98 6.81 -8.51
CA LYS A 22 22.98 7.45 -9.83
C LYS A 22 21.55 7.45 -10.35
N LYS A 23 20.91 8.63 -10.35
CA LYS A 23 19.58 8.76 -10.93
C LYS A 23 19.60 8.44 -12.42
N ILE A 24 18.47 8.00 -12.98
CA ILE A 24 18.52 7.39 -14.32
C ILE A 24 17.34 7.72 -15.23
N LYS A 25 16.17 8.00 -14.67
CA LYS A 25 14.95 8.29 -15.43
C LYS A 25 13.95 8.77 -14.40
N VAL A 26 12.78 9.17 -14.87
CA VAL A 26 11.80 9.84 -14.01
C VAL A 26 10.50 9.06 -14.12
N LEU A 27 10.34 8.05 -13.27
CA LEU A 27 9.06 7.41 -13.12
C LEU A 27 8.12 8.36 -12.42
N GLY A 28 7.08 8.80 -13.11
CA GLY A 28 6.06 9.63 -12.46
C GLY A 28 6.52 10.87 -11.72
N SER A 29 5.60 11.82 -11.58
CA SER A 29 5.84 13.07 -10.88
C SER A 29 4.47 13.63 -10.49
N GLY A 30 4.48 14.53 -9.49
CA GLY A 30 3.25 15.19 -9.11
C GLY A 30 3.13 15.57 -7.65
N ALA A 31 2.06 15.10 -7.01
CA ALA A 31 1.82 15.40 -5.61
C ALA A 31 3.01 14.96 -4.75
N PHE A 32 3.35 13.66 -4.80
CA PHE A 32 4.57 13.18 -4.15
C PHE A 32 5.75 14.05 -4.50
N GLY A 33 5.82 14.54 -5.74
CA GLY A 33 6.91 15.38 -6.18
C GLY A 33 7.55 14.84 -7.43
N THR A 34 8.57 13.99 -7.25
CA THR A 34 9.25 13.35 -8.37
C THR A 34 9.91 12.08 -7.85
N VAL A 35 9.61 10.95 -8.49
CA VAL A 35 10.27 9.68 -8.24
C VAL A 35 11.20 9.40 -9.40
N TYR A 36 12.44 8.99 -9.10
CA TYR A 36 13.42 8.70 -10.15
C TYR A 36 13.88 7.26 -10.01
N LYS A 37 13.51 6.40 -10.95
CA LYS A 37 14.27 5.18 -11.16
C LYS A 37 15.76 5.51 -11.09
N GLY A 38 16.51 4.67 -10.41
CA GLY A 38 17.93 4.91 -10.26
C GLY A 38 18.69 3.66 -9.90
N LEU A 39 19.90 3.84 -9.40
CA LEU A 39 20.76 2.71 -9.11
C LEU A 39 21.76 3.04 -8.01
N TRP A 40 21.88 2.17 -7.01
CA TRP A 40 22.68 2.44 -5.82
C TRP A 40 23.85 1.47 -5.77
N ILE A 41 25.05 2.00 -5.57
CA ILE A 41 26.24 1.18 -5.61
C ILE A 41 26.99 1.37 -4.31
N PRO A 42 26.57 0.72 -3.23
CA PRO A 42 27.40 0.69 -2.03
C PRO A 42 28.87 0.59 -2.42
N GLU A 43 29.64 1.60 -2.02
CA GLU A 43 31.05 1.68 -2.40
C GLU A 43 31.86 0.53 -1.83
N GLY A 44 32.82 0.05 -2.61
CA GLY A 44 33.64 -1.09 -2.26
C GLY A 44 32.83 -2.29 -1.82
N GLU A 45 31.62 -2.41 -2.39
CA GLU A 45 30.73 -3.50 -2.03
C GLU A 45 30.48 -4.48 -3.15
N LYS A 46 30.64 -4.08 -4.40
CA LYS A 46 30.57 -4.96 -5.56
C LYS A 46 29.15 -5.43 -5.86
N VAL A 47 28.14 -4.65 -5.44
CA VAL A 47 26.75 -4.89 -5.83
C VAL A 47 26.19 -3.59 -6.39
N LYS A 48 25.24 -3.72 -7.31
CA LYS A 48 24.47 -2.61 -7.84
C LYS A 48 22.99 -2.86 -7.53
N ILE A 49 22.39 -2.02 -6.70
CA ILE A 49 21.05 -2.26 -6.17
C ILE A 49 20.07 -1.32 -6.86
N PRO A 50 19.01 -1.82 -7.47
CA PRO A 50 18.08 -0.91 -8.16
C PRO A 50 17.09 -0.28 -7.20
N VAL A 51 16.80 1.00 -7.42
CA VAL A 51 16.14 1.85 -6.42
C VAL A 51 15.24 2.86 -7.12
N ALA A 52 14.14 3.19 -6.45
CA ALA A 52 13.43 4.44 -6.64
C ALA A 52 13.96 5.48 -5.67
N ILE A 53 14.11 6.71 -6.15
CA ILE A 53 14.60 7.85 -5.34
C ILE A 53 13.54 8.94 -5.38
N LYS A 54 12.97 9.27 -4.23
CA LYS A 54 11.86 10.20 -4.14
C LYS A 54 12.28 11.52 -3.51
N GLU A 55 11.67 12.60 -3.97
CA GLU A 55 11.76 13.91 -3.34
C GLU A 55 10.46 14.67 -3.61
N LEU A 56 9.95 15.38 -2.59
CA LEU A 56 8.66 16.09 -2.68
C LEU A 56 8.84 17.40 -3.43
N ARG A 57 8.69 17.32 -4.75
CA ARG A 57 8.74 18.47 -5.64
C ARG A 57 10.13 19.13 -5.63
N GLU A 58 10.27 20.41 -5.24
CA GLU A 58 11.61 21.00 -5.17
C GLU A 58 11.73 22.25 -4.29
N ALA A 59 10.60 22.72 -3.75
CA ALA A 59 10.59 23.93 -2.93
C ALA A 59 10.97 23.61 -1.48
N THR A 60 11.66 24.57 -0.85
CA THR A 60 12.14 24.39 0.52
C THR A 60 11.05 23.82 1.43
N SER A 61 9.99 24.63 1.68
CA SER A 61 8.87 24.30 2.54
C SER A 61 9.34 23.43 3.70
N PRO A 62 9.88 24.03 4.77
CA PRO A 62 10.39 23.22 5.89
C PRO A 62 9.32 22.36 6.56
N LYS A 63 8.04 22.66 6.35
CA LYS A 63 6.99 21.75 6.79
C LYS A 63 7.03 20.45 6.00
N ALA A 64 7.50 20.49 4.75
CA ALA A 64 7.59 19.28 3.93
C ALA A 64 8.57 18.28 4.52
N ASN A 65 9.80 18.71 4.84
CA ASN A 65 10.78 17.80 5.42
C ASN A 65 10.25 17.14 6.68
N LYS A 66 9.43 17.83 7.46
CA LYS A 66 8.72 17.15 8.53
C LYS A 66 8.09 15.88 8.00
N GLU A 67 7.31 16.01 6.93
CA GLU A 67 6.52 14.88 6.42
C GLU A 67 7.41 13.79 5.83
N ILE A 68 8.37 14.16 4.97
CA ILE A 68 9.35 13.20 4.48
C ILE A 68 9.94 12.41 5.64
N LEU A 69 10.63 13.12 6.55
CA LEU A 69 11.32 12.45 7.62
C LEU A 69 10.38 11.61 8.48
N ASP A 70 9.07 11.83 8.36
CA ASP A 70 8.15 11.02 9.14
C ASP A 70 7.84 9.72 8.42
N GLU A 71 7.56 9.80 7.12
CA GLU A 71 7.40 8.57 6.37
C GLU A 71 8.65 7.74 6.46
N ALA A 72 9.81 8.40 6.44
CA ALA A 72 11.07 7.69 6.57
C ALA A 72 11.19 7.01 7.91
N TYR A 73 10.73 7.68 8.97
CA TYR A 73 10.63 7.05 10.28
C TYR A 73 9.83 5.75 10.22
N VAL A 74 8.61 5.80 9.67
CA VAL A 74 7.79 4.59 9.62
C VAL A 74 8.50 3.50 8.84
N MET A 75 8.77 3.74 7.55
CA MET A 75 9.37 2.73 6.69
C MET A 75 10.60 2.12 7.33
N ALA A 76 11.45 2.93 7.96
CA ALA A 76 12.61 2.42 8.67
C ALA A 76 12.25 1.37 9.68
N SER A 77 10.99 1.34 10.11
CA SER A 77 10.54 0.57 11.25
C SER A 77 9.70 -0.62 10.83
N VAL A 78 9.60 -0.86 9.52
CA VAL A 78 8.84 -1.98 9.00
C VAL A 78 9.80 -2.87 8.23
N ASP A 79 9.59 -4.18 8.35
CA ASP A 79 10.33 -5.15 7.56
C ASP A 79 9.42 -6.37 7.39
N ASN A 80 8.75 -6.45 6.23
CA ASN A 80 7.93 -7.61 5.92
C ASN A 80 8.01 -7.84 4.43
N PRO A 81 7.93 -9.10 3.99
CA PRO A 81 8.03 -9.38 2.55
C PRO A 81 6.94 -8.75 1.74
N HIS A 82 5.93 -8.12 2.36
CA HIS A 82 4.86 -7.51 1.59
C HIS A 82 4.66 -6.06 1.98
N VAL A 83 5.73 -5.42 2.44
CA VAL A 83 5.75 -4.00 2.74
C VAL A 83 7.02 -3.44 2.14
N CYS A 84 6.96 -2.18 1.70
CA CYS A 84 8.08 -1.60 0.97
C CYS A 84 9.27 -1.39 1.89
N ARG A 85 10.47 -1.68 1.37
CA ARG A 85 11.69 -1.46 2.14
C ARG A 85 12.18 -0.02 1.93
N LEU A 86 12.30 0.71 3.03
CA LEU A 86 13.09 1.94 2.99
C LEU A 86 14.57 1.58 3.09
N LEU A 87 15.34 1.99 2.09
CA LEU A 87 16.75 1.62 2.03
C LEU A 87 17.66 2.58 2.81
N GLY A 88 17.32 3.86 2.82
CA GLY A 88 18.12 4.88 3.45
C GLY A 88 17.68 6.22 2.92
N ILE A 89 18.27 7.28 3.50
CA ILE A 89 17.99 8.63 3.01
C ILE A 89 19.31 9.31 2.69
N CYS A 90 19.21 10.34 1.86
CA CYS A 90 20.34 11.18 1.50
C CYS A 90 20.05 12.61 1.92
N LEU A 91 20.93 13.15 2.78
CA LEU A 91 20.72 14.44 3.42
C LEU A 91 21.09 15.62 2.54
N THR A 92 20.76 15.53 1.26
CA THR A 92 20.95 16.63 0.34
C THR A 92 20.06 17.80 0.75
N SER A 93 20.33 18.96 0.15
CA SER A 93 19.49 20.13 0.37
C SER A 93 18.02 19.73 0.38
N THR A 94 17.63 18.98 -0.65
CA THR A 94 16.35 18.27 -0.67
C THR A 94 16.58 16.87 -0.14
N VAL A 95 15.79 16.46 0.83
CA VAL A 95 15.92 15.14 1.41
C VAL A 95 15.27 14.12 0.51
N GLN A 96 15.96 12.98 0.32
CA GLN A 96 15.53 11.92 -0.58
C GLN A 96 15.33 10.60 0.16
N LEU A 97 14.24 9.91 -0.19
CA LEU A 97 13.98 8.55 0.25
C LEU A 97 14.52 7.59 -0.81
N ILE A 98 15.53 6.79 -0.46
CA ILE A 98 15.94 5.72 -1.35
C ILE A 98 15.17 4.45 -0.99
N MET A 99 14.36 3.99 -1.92
CA MET A 99 13.50 2.85 -1.72
C MET A 99 13.77 1.80 -2.80
N GLN A 100 13.33 0.58 -2.54
CA GLN A 100 13.50 -0.50 -3.51
C GLN A 100 12.64 -0.23 -4.73
N LEU A 101 13.20 -0.53 -5.92
CA LEU A 101 12.50 -0.32 -7.17
C LEU A 101 11.49 -1.43 -7.38
N MET A 102 10.23 -1.06 -7.56
CA MET A 102 9.22 -2.03 -7.91
C MET A 102 9.01 -2.03 -9.42
N PRO A 103 9.65 -2.92 -10.18
CA PRO A 103 9.81 -2.70 -11.63
C PRO A 103 8.53 -2.65 -12.43
N PHE A 104 7.42 -3.21 -11.94
CA PHE A 104 6.21 -3.33 -12.73
C PHE A 104 5.16 -2.28 -12.40
N GLY A 105 5.51 -1.29 -11.59
CA GLY A 105 4.61 -0.17 -11.39
C GLY A 105 3.51 -0.53 -10.42
N SER A 106 2.44 0.28 -10.44
CA SER A 106 1.36 0.11 -9.48
C SER A 106 0.45 -1.02 -9.91
N LEU A 107 -0.13 -1.70 -8.92
CA LEU A 107 -1.09 -2.75 -9.21
C LEU A 107 -2.27 -2.19 -10.00
N LEU A 108 -2.78 -1.02 -9.59
CA LEU A 108 -3.84 -0.37 -10.34
C LEU A 108 -3.50 -0.32 -11.83
N ASP A 109 -2.38 0.28 -12.18
CA ASP A 109 -1.95 0.24 -13.58
C ASP A 109 -1.89 -1.18 -14.09
N TYR A 110 -1.16 -2.05 -13.38
CA TYR A 110 -0.89 -3.37 -13.91
C TYR A 110 -2.17 -4.09 -14.31
N VAL A 111 -3.17 -4.07 -13.44
CA VAL A 111 -4.41 -4.78 -13.77
C VAL A 111 -5.09 -4.13 -14.95
N ARG A 112 -5.14 -2.80 -14.96
CA ARG A 112 -5.60 -2.04 -16.13
C ARG A 112 -4.80 -2.39 -17.38
N GLU A 113 -3.47 -2.19 -17.33
CA GLU A 113 -2.66 -2.45 -18.51
C GLU A 113 -2.83 -3.87 -19.01
N HIS A 114 -2.93 -4.84 -18.10
CA HIS A 114 -3.02 -6.23 -18.53
C HIS A 114 -4.32 -6.92 -18.12
N LYS A 115 -5.49 -6.38 -18.45
CA LYS A 115 -6.75 -7.08 -18.17
C LYS A 115 -6.73 -8.54 -18.66
N ASP A 116 -5.73 -8.92 -19.46
CA ASP A 116 -5.44 -10.33 -19.69
C ASP A 116 -4.75 -10.93 -18.46
N ASN A 117 -5.23 -10.53 -17.29
CA ASN A 117 -4.71 -10.96 -16.00
C ASN A 117 -5.24 -12.32 -15.62
N ILE A 118 -4.34 -13.21 -15.24
CA ILE A 118 -4.67 -14.54 -14.78
C ILE A 118 -5.79 -14.43 -13.77
N GLY A 119 -6.61 -15.45 -13.70
CA GLY A 119 -7.70 -15.46 -12.75
C GLY A 119 -7.13 -15.55 -11.36
N SER A 120 -7.93 -16.08 -10.43
CA SER A 120 -7.59 -15.88 -9.02
C SER A 120 -6.12 -16.16 -8.78
N GLN A 121 -5.54 -17.13 -9.50
CA GLN A 121 -4.16 -17.44 -9.20
C GLN A 121 -3.42 -16.14 -9.02
N TYR A 122 -3.59 -15.21 -9.95
CA TYR A 122 -3.02 -13.89 -9.77
C TYR A 122 -3.87 -13.07 -8.82
N LEU A 123 -5.11 -12.77 -9.22
CA LEU A 123 -5.99 -11.95 -8.37
C LEU A 123 -6.01 -12.44 -6.93
N LEU A 124 -6.46 -13.67 -6.69
CA LEU A 124 -6.58 -14.13 -5.31
C LEU A 124 -5.23 -14.24 -4.62
N ASN A 125 -4.17 -14.58 -5.35
CA ASN A 125 -2.86 -14.54 -4.72
C ASN A 125 -2.52 -13.14 -4.25
N TRP A 126 -2.74 -12.12 -5.09
CA TRP A 126 -2.51 -10.76 -4.62
C TRP A 126 -3.36 -10.44 -3.40
N CYS A 127 -4.60 -10.91 -3.37
CA CYS A 127 -5.43 -10.68 -2.20
C CYS A 127 -4.80 -11.26 -0.94
N VAL A 128 -4.21 -12.46 -1.04
CA VAL A 128 -3.53 -13.04 0.13
C VAL A 128 -2.34 -12.18 0.55
N GLN A 129 -1.50 -11.81 -0.41
CA GLN A 129 -0.30 -11.09 -0.07
C GLN A 129 -0.60 -9.73 0.55
N ILE A 130 -1.65 -9.05 0.11
CA ILE A 130 -1.95 -7.77 0.73
C ILE A 130 -2.45 -7.95 2.16
N ALA A 131 -3.26 -8.98 2.40
CA ALA A 131 -3.74 -9.22 3.76
C ALA A 131 -2.58 -9.53 4.68
N LYS A 132 -1.61 -10.33 4.21
CA LYS A 132 -0.37 -10.52 4.97
C LYS A 132 0.33 -9.20 5.27
N GLY A 133 0.47 -8.34 4.27
CA GLY A 133 1.06 -7.04 4.51
C GLY A 133 0.41 -6.31 5.66
N MET A 134 -0.91 -6.12 5.58
CA MET A 134 -1.62 -5.37 6.61
C MET A 134 -1.52 -6.04 7.96
N ASN A 135 -1.85 -7.33 8.02
CA ASN A 135 -1.72 -8.03 9.28
C ASN A 135 -0.39 -7.74 9.95
N TYR A 136 0.68 -7.54 9.18
CA TYR A 136 1.97 -7.19 9.76
C TYR A 136 1.90 -5.83 10.42
N LEU A 137 1.53 -4.80 9.66
CA LEU A 137 1.33 -3.48 10.23
C LEU A 137 0.45 -3.55 11.47
N GLU A 138 -0.52 -4.48 11.50
CA GLU A 138 -1.36 -4.62 12.70
C GLU A 138 -0.55 -5.11 13.90
N ASP A 139 0.37 -6.04 13.68
CA ASP A 139 1.32 -6.39 14.72
C ASP A 139 2.05 -5.15 15.20
N ARG A 140 2.56 -4.37 14.25
CA ARG A 140 3.40 -3.22 14.53
C ARG A 140 2.60 -2.02 15.01
N ARG A 141 1.33 -2.25 15.33
CA ARG A 141 0.42 -1.23 15.82
C ARG A 141 0.38 -0.04 14.86
N LEU A 142 0.48 -0.33 13.58
CA LEU A 142 0.53 0.67 12.53
C LEU A 142 -0.81 0.75 11.83
N VAL A 143 -1.21 1.96 11.46
CA VAL A 143 -2.47 2.14 10.75
C VAL A 143 -2.20 2.89 9.47
N HIS A 144 -2.48 2.27 8.33
CA HIS A 144 -1.99 2.80 7.06
C HIS A 144 -2.76 4.05 6.66
N ARG A 145 -4.09 4.01 6.75
CA ARG A 145 -4.94 5.15 6.42
C ARG A 145 -4.82 5.55 4.94
N ASP A 146 -4.25 4.71 4.10
CA ASP A 146 -4.35 5.03 2.67
C ASP A 146 -4.13 3.78 1.84
N LEU A 147 -4.74 2.66 2.27
CA LEU A 147 -4.73 1.46 1.45
C LEU A 147 -5.61 1.66 0.22
N ALA A 148 -5.09 1.28 -0.93
CA ALA A 148 -5.75 1.48 -2.22
C ALA A 148 -4.93 0.77 -3.26
N ALA A 149 -5.59 0.32 -4.32
CA ALA A 149 -4.86 -0.31 -5.41
C ALA A 149 -3.66 0.54 -5.83
N ARG A 150 -3.82 1.87 -5.81
CA ARG A 150 -2.72 2.74 -6.24
C ARG A 150 -1.47 2.47 -5.43
N ASN A 151 -1.60 2.32 -4.11
CA ASN A 151 -0.49 2.23 -3.17
C ASN A 151 0.05 0.82 -2.95
N VAL A 152 -0.08 -0.07 -3.94
CA VAL A 152 0.47 -1.42 -3.89
C VAL A 152 1.32 -1.59 -5.14
N LEU A 153 2.58 -1.95 -4.96
CA LEU A 153 3.51 -1.97 -6.08
C LEU A 153 3.81 -3.40 -6.49
N VAL A 154 4.30 -3.56 -7.71
CA VAL A 154 4.50 -4.86 -8.31
C VAL A 154 6.01 -5.11 -8.45
N LYS A 155 6.56 -5.99 -7.62
CA LYS A 155 7.94 -6.38 -7.82
C LYS A 155 8.04 -7.40 -8.95
N THR A 156 7.12 -8.35 -8.96
CA THR A 156 6.90 -9.26 -10.07
C THR A 156 5.41 -9.53 -10.12
N PRO A 157 4.88 -10.13 -11.19
CA PRO A 157 3.44 -10.43 -11.20
C PRO A 157 3.07 -11.41 -10.11
N GLN A 158 4.06 -12.00 -9.45
CA GLN A 158 3.83 -12.98 -8.40
C GLN A 158 4.04 -12.42 -7.01
N HIS A 159 4.44 -11.16 -6.89
CA HIS A 159 4.89 -10.64 -5.61
C HIS A 159 4.63 -9.15 -5.58
N VAL A 160 3.74 -8.71 -4.68
CA VAL A 160 3.36 -7.30 -4.52
C VAL A 160 3.69 -6.88 -3.10
N LYS A 161 3.77 -5.56 -2.87
CA LYS A 161 4.13 -4.96 -1.59
C LYS A 161 3.34 -3.67 -1.39
N ILE A 162 3.00 -3.35 -0.13
CA ILE A 162 2.26 -2.12 0.23
C ILE A 162 3.24 -0.93 0.38
N THR A 163 2.84 0.25 -0.12
CA THR A 163 3.73 1.40 -0.16
C THR A 163 2.96 2.65 0.25
N ASP A 164 3.66 3.79 0.17
CA ASP A 164 3.11 5.10 0.51
C ASP A 164 2.65 5.17 1.95
N PHE A 165 3.57 5.49 2.86
CA PHE A 165 3.25 5.66 4.27
C PHE A 165 3.20 7.13 4.67
N GLY A 166 2.80 8.00 3.75
CA GLY A 166 2.64 9.39 4.11
C GLY A 166 1.56 9.62 5.15
N ARG A 167 0.47 8.86 5.08
CA ARG A 167 -0.61 9.03 6.04
C ARG A 167 -0.49 8.11 7.21
N ALA A 168 0.54 7.27 7.25
CA ALA A 168 0.59 6.21 8.25
C ALA A 168 0.68 6.79 9.65
N LYS A 169 0.14 6.06 10.62
CA LYS A 169 0.24 6.45 12.02
C LYS A 169 0.50 5.22 12.88
N LEU A 170 1.39 5.37 13.85
CA LEU A 170 1.72 4.29 14.77
C LEU A 170 0.95 4.54 16.07
N LEU A 171 0.03 3.64 16.38
CA LEU A 171 -0.75 3.76 17.60
C LEU A 171 0.13 3.56 18.82
N GLY A 172 -0.09 4.38 19.86
CA GLY A 172 0.52 4.15 21.15
C GLY A 172 -0.04 2.90 21.81
N ALA A 173 0.58 2.50 22.93
CA ALA A 173 0.20 1.24 23.55
C ALA A 173 -1.18 1.28 24.21
N GLU A 174 -1.90 2.40 24.10
CA GLU A 174 -3.28 2.55 24.57
C GLU A 174 -4.08 3.45 23.63
N GLU A 175 -3.93 3.23 22.32
CA GLU A 175 -4.62 4.03 21.30
C GLU A 175 -5.38 3.10 20.37
N LYS A 176 -6.71 3.08 20.50
CA LYS A 176 -7.53 2.35 19.54
C LYS A 176 -7.63 3.11 18.22
N GLU A 177 -7.80 4.42 18.29
CA GLU A 177 -8.03 5.24 17.11
C GLU A 177 -6.99 6.35 17.00
N TYR A 178 -6.72 6.76 15.76
CA TYR A 178 -6.05 8.01 15.48
C TYR A 178 -7.13 9.04 15.20
N HIS A 179 -7.09 10.15 15.94
CA HIS A 179 -8.07 11.22 15.80
C HIS A 179 -7.41 12.32 15.00
N ALA A 180 -7.63 12.28 13.68
CA ALA A 180 -6.90 13.08 12.71
C ALA A 180 -7.49 14.48 12.57
N GLU A 181 -6.62 15.44 12.24
CA GLU A 181 -7.02 16.79 11.89
C GLU A 181 -7.66 16.79 10.51
N GLY A 182 -7.80 17.96 9.88
CA GLY A 182 -8.38 18.04 8.54
C GLY A 182 -7.36 17.75 7.45
N GLY A 183 -7.81 17.94 6.20
CA GLY A 183 -6.98 17.76 5.03
C GLY A 183 -7.72 17.15 3.86
N LYS A 184 -7.05 16.93 2.72
CA LYS A 184 -7.68 16.19 1.63
C LYS A 184 -7.51 14.70 1.88
N VAL A 185 -8.62 13.98 1.94
CA VAL A 185 -8.59 12.57 2.31
C VAL A 185 -9.15 11.78 1.14
N PRO A 186 -8.71 10.52 0.91
CA PRO A 186 -9.28 9.73 -0.19
C PRO A 186 -10.63 9.17 0.21
N ILE A 187 -11.67 9.96 -0.04
CA ILE A 187 -12.93 9.73 0.66
C ILE A 187 -13.53 8.40 0.24
N LYS A 188 -13.32 7.99 -1.01
CA LYS A 188 -13.99 6.81 -1.52
C LYS A 188 -13.42 5.51 -0.97
N TRP A 189 -12.21 5.52 -0.44
CA TRP A 189 -11.58 4.31 0.09
C TRP A 189 -11.78 4.14 1.59
N MET A 190 -12.60 4.95 2.25
CA MET A 190 -12.50 5.16 3.69
C MET A 190 -13.73 4.68 4.43
N ALA A 191 -13.50 3.95 5.53
CA ALA A 191 -14.57 3.57 6.44
C ALA A 191 -15.50 4.75 6.70
N LEU A 192 -16.72 4.47 7.12
CA LEU A 192 -17.66 5.55 7.36
C LEU A 192 -17.35 6.21 8.69
N GLU A 193 -17.07 5.40 9.71
CA GLU A 193 -16.71 5.96 11.00
C GLU A 193 -15.58 6.97 10.87
N SER A 194 -14.76 6.84 9.83
CA SER A 194 -13.69 7.80 9.58
C SER A 194 -14.17 8.96 8.75
N ILE A 195 -15.00 8.70 7.75
CA ILE A 195 -15.55 9.79 6.93
C ILE A 195 -16.35 10.75 7.78
N LEU A 196 -16.93 10.29 8.88
CA LEU A 196 -17.75 11.15 9.73
C LEU A 196 -17.03 11.65 10.96
N HIS A 197 -16.24 10.80 11.62
CA HIS A 197 -15.63 11.14 12.91
C HIS A 197 -14.11 11.10 12.90
N ARG A 198 -13.49 10.97 11.72
CA ARG A 198 -12.03 10.90 11.57
C ARG A 198 -11.41 9.89 12.53
N ILE A 199 -12.18 8.87 12.93
CA ILE A 199 -11.65 7.81 13.78
C ILE A 199 -11.09 6.72 12.88
N TYR A 200 -9.77 6.62 12.83
CA TYR A 200 -9.08 5.61 12.07
C TYR A 200 -8.64 4.48 12.98
N THR A 201 -8.65 3.26 12.46
CA THR A 201 -8.39 2.09 13.27
C THR A 201 -7.85 1.00 12.37
N HIS A 202 -7.46 -0.12 12.97
CA HIS A 202 -7.09 -1.26 12.14
C HIS A 202 -8.31 -1.75 11.36
N GLN A 203 -9.47 -1.83 12.03
CA GLN A 203 -10.70 -2.17 11.34
C GLN A 203 -11.05 -1.15 10.27
N SER A 204 -10.69 0.10 10.46
CA SER A 204 -10.96 1.01 9.36
C SER A 204 -10.13 0.61 8.15
N ASP A 205 -8.94 0.06 8.41
CA ASP A 205 -8.07 -0.36 7.32
C ASP A 205 -8.67 -1.53 6.54
N VAL A 206 -9.42 -2.41 7.23
CA VAL A 206 -10.17 -3.49 6.58
C VAL A 206 -11.10 -2.93 5.51
N TRP A 207 -11.90 -1.92 5.84
CA TRP A 207 -12.71 -1.28 4.81
C TRP A 207 -11.88 -0.93 3.58
N SER A 208 -10.76 -0.23 3.77
CA SER A 208 -9.96 0.12 2.60
C SER A 208 -9.44 -1.12 1.90
N TYR A 209 -9.22 -2.20 2.64
CA TYR A 209 -8.86 -3.46 1.98
C TYR A 209 -10.00 -3.91 1.07
N GLY A 210 -11.25 -3.69 1.48
CA GLY A 210 -12.37 -4.11 0.66
C GLY A 210 -12.44 -3.35 -0.66
N VAL A 211 -12.32 -2.03 -0.60
CA VAL A 211 -12.29 -1.23 -1.83
C VAL A 211 -11.11 -1.66 -2.71
N THR A 212 -9.95 -1.92 -2.12
CA THR A 212 -8.82 -2.37 -2.91
C THR A 212 -9.14 -3.65 -3.67
N VAL A 213 -9.73 -4.62 -2.98
CA VAL A 213 -10.09 -5.89 -3.60
C VAL A 213 -11.08 -5.65 -4.73
N TRP A 214 -12.06 -4.81 -4.46
CA TRP A 214 -13.02 -4.46 -5.49
C TRP A 214 -12.34 -3.81 -6.68
N GLU A 215 -11.31 -3.00 -6.45
CA GLU A 215 -10.53 -2.46 -7.57
C GLU A 215 -9.91 -3.57 -8.40
N LEU A 216 -9.22 -4.52 -7.75
CA LEU A 216 -8.59 -5.60 -8.51
C LEU A 216 -9.64 -6.49 -9.19
N MET A 217 -10.70 -6.83 -8.49
CA MET A 217 -11.68 -7.73 -9.12
C MET A 217 -12.30 -7.06 -10.32
N THR A 218 -12.51 -5.75 -10.29
CA THR A 218 -13.09 -5.03 -11.41
C THR A 218 -12.04 -4.58 -12.41
N PHE A 219 -10.82 -5.09 -12.28
CA PHE A 219 -9.70 -4.85 -13.20
C PHE A 219 -9.31 -3.39 -13.29
N GLY A 220 -9.70 -2.57 -12.32
CA GLY A 220 -9.25 -1.21 -12.30
C GLY A 220 -10.33 -0.14 -12.26
N SER A 221 -11.58 -0.52 -12.04
CA SER A 221 -12.66 0.45 -12.06
C SER A 221 -12.46 1.53 -10.99
N LYS A 222 -13.23 2.61 -11.10
CA LYS A 222 -13.17 3.71 -10.14
C LYS A 222 -14.29 3.60 -9.12
N PRO A 223 -13.98 3.47 -7.84
CA PRO A 223 -15.04 3.35 -6.83
C PRO A 223 -16.01 4.51 -6.92
N TYR A 224 -17.29 4.18 -6.99
CA TYR A 224 -18.33 5.21 -7.04
C TYR A 224 -18.02 6.19 -8.15
N ASP A 225 -17.66 5.67 -9.32
CA ASP A 225 -17.34 6.54 -10.44
C ASP A 225 -18.52 7.46 -10.73
N GLY A 226 -18.21 8.70 -11.07
CA GLY A 226 -19.29 9.65 -11.23
C GLY A 226 -19.79 10.31 -9.95
N ILE A 227 -20.13 9.51 -8.94
CA ILE A 227 -20.62 10.07 -7.68
C ILE A 227 -19.65 11.14 -7.19
N PRO A 228 -20.12 12.19 -6.47
CA PRO A 228 -19.19 13.20 -5.92
C PRO A 228 -18.91 12.96 -4.45
N ALA A 229 -17.63 12.99 -4.07
CA ALA A 229 -17.22 12.47 -2.78
C ALA A 229 -18.10 12.99 -1.65
N SER A 230 -18.66 14.19 -1.79
CA SER A 230 -19.51 14.71 -0.72
C SER A 230 -20.73 13.84 -0.52
N GLU A 231 -21.18 13.13 -1.56
CA GLU A 231 -22.34 12.26 -1.45
C GLU A 231 -22.01 11.01 -0.65
N ILE A 232 -20.82 10.44 -0.89
CA ILE A 232 -20.40 9.14 -0.39
C ILE A 232 -20.87 8.94 1.04
N SER A 233 -20.63 9.93 1.90
CA SER A 233 -20.99 9.75 3.30
C SER A 233 -22.44 9.31 3.47
N SER A 234 -23.37 9.92 2.73
CA SER A 234 -24.76 9.56 2.94
C SER A 234 -25.10 8.27 2.20
N ILE A 235 -24.76 8.21 0.90
CA ILE A 235 -24.89 7.01 0.08
C ILE A 235 -24.60 5.76 0.93
N LEU A 236 -23.42 5.69 1.54
CA LEU A 236 -23.10 4.58 2.42
C LEU A 236 -23.94 4.59 3.68
N GLU A 237 -24.59 5.69 4.01
CA GLU A 237 -25.42 5.67 5.18
C GLU A 237 -26.78 5.05 4.89
N LYS A 238 -27.25 5.19 3.63
CA LYS A 238 -28.53 4.59 3.23
C LYS A 238 -28.46 3.07 3.17
N GLY A 239 -27.28 2.51 2.95
CA GLY A 239 -27.11 1.07 2.88
C GLY A 239 -26.42 0.64 1.60
N GLU A 240 -26.12 1.63 0.75
CA GLU A 240 -25.49 1.41 -0.54
C GLU A 240 -24.03 1.00 -0.37
N ARG A 241 -23.51 0.33 -1.41
CA ARG A 241 -22.16 -0.25 -1.41
C ARG A 241 -21.76 -0.44 -2.86
N LEU A 242 -20.49 -0.77 -3.08
CA LEU A 242 -20.07 -0.99 -4.45
C LEU A 242 -20.69 -2.28 -4.96
N PRO A 243 -20.86 -2.40 -6.26
CA PRO A 243 -21.54 -3.57 -6.80
C PRO A 243 -20.68 -4.83 -6.71
N GLN A 244 -21.34 -5.94 -6.91
CA GLN A 244 -20.64 -7.21 -7.08
C GLN A 244 -19.94 -7.22 -8.43
N PRO A 245 -18.61 -7.28 -8.46
CA PRO A 245 -17.94 -7.28 -9.76
C PRO A 245 -18.33 -8.50 -10.55
N PRO A 246 -18.37 -8.38 -11.87
CA PRO A 246 -18.76 -9.52 -12.72
C PRO A 246 -18.06 -10.84 -12.42
N ILE A 247 -16.72 -10.90 -12.42
CA ILE A 247 -16.06 -12.20 -12.29
C ILE A 247 -16.27 -12.80 -10.90
N CYS A 248 -16.99 -12.10 -10.03
CA CYS A 248 -17.00 -12.47 -8.62
C CYS A 248 -18.12 -13.46 -8.31
N THR A 249 -17.75 -14.62 -7.80
CA THR A 249 -18.78 -15.44 -7.18
C THR A 249 -19.31 -14.76 -5.93
N ILE A 250 -20.47 -15.24 -5.46
CA ILE A 250 -20.99 -14.72 -4.20
C ILE A 250 -19.97 -14.89 -3.10
N ASP A 251 -19.27 -16.03 -3.05
CA ASP A 251 -18.26 -16.26 -2.02
C ASP A 251 -17.26 -15.09 -1.89
N VAL A 252 -16.68 -14.65 -3.01
CA VAL A 252 -15.80 -13.51 -2.94
C VAL A 252 -16.60 -12.25 -2.59
N TYR A 253 -17.66 -11.97 -3.35
CA TYR A 253 -18.37 -10.72 -3.14
C TYR A 253 -18.83 -10.58 -1.71
N MET A 254 -19.17 -11.68 -1.06
CA MET A 254 -19.62 -11.62 0.31
C MET A 254 -18.47 -11.22 1.24
N ILE A 255 -17.26 -11.65 0.93
CA ILE A 255 -16.14 -11.21 1.75
C ILE A 255 -15.93 -9.71 1.62
N MET A 256 -15.95 -9.19 0.39
CA MET A 256 -15.89 -7.74 0.23
C MET A 256 -16.98 -7.06 1.05
N VAL A 257 -18.18 -7.62 1.04
CA VAL A 257 -19.25 -6.87 1.68
C VAL A 257 -19.07 -6.86 3.20
N LYS A 258 -18.46 -7.90 3.77
CA LYS A 258 -18.23 -7.91 5.22
C LYS A 258 -17.25 -6.83 5.65
N CYS A 259 -16.26 -6.51 4.81
CA CYS A 259 -15.33 -5.43 5.11
C CYS A 259 -16.02 -4.10 5.16
N TRP A 260 -17.29 -4.02 4.76
CA TRP A 260 -18.00 -2.77 4.56
C TRP A 260 -19.18 -2.65 5.51
N MET A 261 -19.25 -3.51 6.52
CA MET A 261 -20.31 -3.37 7.51
C MET A 261 -20.11 -2.09 8.31
N ILE A 262 -21.18 -1.64 8.97
CA ILE A 262 -21.09 -0.39 9.71
C ILE A 262 -20.44 -0.62 11.06
N ASP A 263 -20.91 -1.61 11.82
CA ASP A 263 -20.17 -2.02 12.99
C ASP A 263 -18.81 -2.53 12.54
N ALA A 264 -17.74 -1.84 12.94
CA ALA A 264 -16.41 -2.23 12.50
C ALA A 264 -15.87 -3.48 13.20
N ASP A 265 -16.53 -3.94 14.26
CA ASP A 265 -16.06 -5.13 14.96
C ASP A 265 -16.64 -6.42 14.40
N SER A 266 -17.67 -6.33 13.57
CA SER A 266 -18.16 -7.48 12.82
C SER A 266 -17.63 -7.48 11.40
N ARG A 267 -16.66 -6.57 11.07
CA ARG A 267 -15.84 -6.70 9.87
C ARG A 267 -14.72 -7.69 10.15
N PRO A 268 -14.23 -8.38 9.13
CA PRO A 268 -13.26 -9.46 9.36
C PRO A 268 -11.87 -8.90 9.61
N LYS A 269 -11.05 -9.72 10.27
CA LYS A 269 -9.70 -9.36 10.68
C LYS A 269 -8.69 -9.85 9.66
N PHE A 270 -7.64 -9.06 9.44
CA PHE A 270 -6.71 -9.40 8.37
C PHE A 270 -6.25 -10.85 8.47
N ARG A 271 -6.03 -11.35 9.68
CA ARG A 271 -5.54 -12.72 9.79
C ARG A 271 -6.56 -13.70 9.28
N GLU A 272 -7.82 -13.29 9.27
CA GLU A 272 -8.85 -14.15 8.72
C GLU A 272 -8.92 -14.02 7.22
N LEU A 273 -8.88 -12.78 6.74
CA LEU A 273 -8.79 -12.53 5.30
C LEU A 273 -7.69 -13.36 4.63
N ILE A 274 -6.49 -13.43 5.23
CA ILE A 274 -5.48 -14.35 4.70
C ILE A 274 -6.07 -15.75 4.58
N ILE A 275 -6.57 -16.28 5.69
CA ILE A 275 -7.02 -17.66 5.70
C ILE A 275 -8.01 -17.91 4.58
N GLU A 276 -9.04 -17.07 4.49
CA GLU A 276 -10.10 -17.28 3.51
C GLU A 276 -9.56 -17.22 2.09
N PHE A 277 -8.94 -16.10 1.69
CA PHE A 277 -8.36 -16.04 0.35
C PHE A 277 -7.36 -17.17 0.12
N SER A 278 -6.51 -17.47 1.10
CA SER A 278 -5.68 -18.68 1.07
C SER A 278 -6.46 -19.88 0.59
N LYS A 279 -7.58 -20.15 1.24
CA LYS A 279 -8.41 -21.27 0.83
C LYS A 279 -8.85 -21.13 -0.62
N MET A 280 -9.40 -19.96 -0.96
CA MET A 280 -9.94 -19.77 -2.30
C MET A 280 -8.85 -19.96 -3.36
N ALA A 281 -7.63 -19.49 -3.09
CA ALA A 281 -6.55 -19.57 -4.07
C ALA A 281 -6.01 -20.99 -4.25
N ARG A 282 -6.56 -22.01 -3.60
CA ARG A 282 -6.19 -23.39 -3.89
C ARG A 282 -7.10 -23.99 -4.92
N ASP A 283 -8.22 -23.32 -5.20
CA ASP A 283 -9.16 -23.75 -6.22
C ASP A 283 -9.71 -22.47 -6.85
N PRO A 284 -8.84 -21.73 -7.54
CA PRO A 284 -9.19 -20.35 -7.94
C PRO A 284 -10.42 -20.25 -8.81
N GLN A 285 -10.67 -21.22 -9.66
CA GLN A 285 -11.69 -21.03 -10.67
C GLN A 285 -13.08 -21.35 -10.12
N ARG A 286 -13.15 -21.88 -8.90
CA ARG A 286 -14.40 -22.06 -8.19
C ARG A 286 -14.94 -20.74 -7.67
N TYR A 287 -14.06 -19.72 -7.53
CA TYR A 287 -14.44 -18.45 -6.95
C TYR A 287 -14.36 -17.26 -7.88
N LEU A 288 -13.56 -17.33 -8.93
CA LEU A 288 -13.48 -16.21 -9.87
C LEU A 288 -13.66 -16.75 -11.27
N VAL A 289 -14.59 -16.18 -12.01
CA VAL A 289 -15.01 -16.75 -13.28
C VAL A 289 -14.57 -15.77 -14.37
N ILE A 290 -13.49 -16.09 -15.07
CA ILE A 290 -12.96 -15.25 -16.13
C ILE A 290 -12.75 -16.07 -17.39
N GLN A 291 -13.03 -15.48 -18.55
CA GLN A 291 -12.97 -16.20 -19.81
C GLN A 291 -11.52 -16.32 -20.26
N GLY A 292 -10.97 -17.52 -20.14
CA GLY A 292 -9.62 -17.76 -20.60
C GLY A 292 -8.60 -17.85 -19.49
N ASP A 293 -8.69 -18.89 -18.68
CA ASP A 293 -7.93 -18.90 -17.45
C ASP A 293 -6.92 -20.06 -17.43
N ASP A 317 24.71 -6.70 -14.46
CA ASP A 317 25.41 -7.98 -14.28
C ASP A 317 25.85 -8.30 -12.84
N ASP A 318 26.32 -7.27 -12.13
CA ASP A 318 26.55 -7.38 -10.69
C ASP A 318 25.34 -6.98 -9.88
N VAL A 319 24.16 -6.98 -10.51
CA VAL A 319 22.96 -6.48 -9.88
C VAL A 319 22.50 -7.44 -8.79
N VAL A 320 22.05 -6.86 -7.67
CA VAL A 320 21.45 -7.60 -6.57
C VAL A 320 20.14 -6.91 -6.25
N ASP A 321 19.04 -7.66 -6.23
CA ASP A 321 17.80 -7.04 -5.79
C ASP A 321 17.89 -6.72 -4.30
N ALA A 322 17.18 -5.67 -3.89
CA ALA A 322 17.29 -5.26 -2.50
C ALA A 322 16.88 -6.36 -1.52
N ASP A 323 15.91 -7.20 -1.89
CA ASP A 323 15.46 -8.24 -0.96
C ASP A 323 16.55 -9.20 -0.61
N GLU A 324 17.68 -9.12 -1.30
CA GLU A 324 18.83 -9.95 -1.00
C GLU A 324 20.04 -9.14 -0.55
N TYR A 325 20.04 -7.82 -0.71
CA TYR A 325 21.05 -6.98 -0.08
C TYR A 325 20.61 -6.69 1.34
N LEU A 326 20.91 -7.63 2.24
CA LEU A 326 20.58 -7.48 3.65
C LEU A 326 21.64 -6.66 4.36
N ILE A 327 21.26 -6.18 5.54
CA ILE A 327 21.91 -5.09 6.27
C ILE A 327 23.44 -5.18 6.28
N PRO A 328 24.13 -4.27 5.61
CA PRO A 328 25.59 -4.11 5.81
C PRO A 328 25.96 -3.38 7.09
N GLN A 329 24.97 -3.08 7.94
CA GLN A 329 25.11 -2.20 9.11
C GLN A 329 24.72 -2.93 10.41
N1 A1ECU B . 7.03 4.84 -6.56
C2 A1ECU B . 5.27 6.53 -7.08
O2 A1ECU B . 9.32 0.47 -12.41
N3 A1ECU B . 8.68 1.53 -9.88
C4 A1ECU B . 7.83 3.67 -6.97
N4 A1ECU B . 5.10 4.21 -12.22
C5 A1ECU B . 8.58 3.08 -6.00
C6 A1ECU B . 9.34 1.98 -6.34
N2 A1ECU B . 9.34 1.53 -7.61
C7 A1ECU B . 8.61 2.11 -8.54
N6 A1ECU B . 5.24 -0.14 -17.48
N7 A1ECU B . 4.80 -2.72 -16.33
C8 A1ECU B . 7.92 1.96 -11.08
C1 A1ECU B . 6.22 7.17 -4.34
C10 A1ECU B . 6.19 3.20 -12.25
C11 A1ECU B . 3.66 3.86 -12.14
C12 A1ECU B . 2.63 5.05 -12.14
C13 A1ECU B . 6.57 2.65 -13.48
C14 A1ECU B . 4.44 2.74 -15.00
C15 A1ECU B . 4.26 1.93 -16.33
C16 A1ECU B . 5.41 0.83 -16.53
C17 A1ECU B . 6.22 -1.04 -17.40
C18 A1ECU B . 6.01 -2.22 -16.42
C19 A1ECU B . 4.60 -3.79 -17.12
C20 A1ECU B . 3.85 -1.84 -16.43
C21 A1ECU B . 4.07 -0.70 -17.47
C22 A1ECU B . 6.70 1.77 -16.82
C23 A1ECU B . 6.83 3.07 -15.96
C24 A1ECU B . 7.61 1.73 -13.50
C25 A1ECU B . 8.27 1.40 -12.31
C26 A1ECU B . 10.51 1.12 -12.38
C27 A1ECU B . 6.71 5.75 -8.90
C28 A1ECU B . 6.03 6.59 -9.77
C29 A1ECU B . 4.98 7.41 -9.28
C3 A1ECU B . 6.34 5.72 -7.54
C30 A1ECU B . 4.62 7.36 -7.95
C31 A1ECU B . 3.22 7.47 -5.00
C9 A1ECU B . 6.87 2.87 -11.04
N5 A1ECU B . 5.91 2.99 -14.80
N8 A1ECU B . 7.86 3.19 -8.22
O1 A1ECU B . 3.31 2.73 -12.06
O3 A1ECU B . 4.50 5.10 -4.95
P1 A1ECU B . 4.78 6.48 -5.32
CL1 A1ECU B . 8.52 3.73 -4.34
CL2 A1ECU B . 3.13 6.40 -13.24
CL3 A1ECU B . 2.52 5.61 -10.43
H4 A1ECU B . 6.95 5.05 -5.59
H6 A1ECU B . 9.32 0.74 -10.00
H8 A1ECU B . 5.34 5.17 -12.27
H5 A1ECU B . 9.94 1.48 -5.58
H2 A1ECU B . 6.70 7.95 -4.91
H1 A1ECU B . 6.93 6.37 -4.13
H3 A1ECU B . 5.86 7.57 -3.40
H9 A1ECU B . 1.67 4.73 -12.52
H10 A1ECU B . 3.90 3.70 -15.08
H11 A1ECU B . 4.04 2.16 -14.15
H12 A1ECU B . 4.27 2.61 -17.17
H13 A1ECU B . 3.29 1.41 -16.30
H14 A1ECU B . 5.47 0.18 -15.65
H15 A1ECU B . 7.11 -0.51 -17.09
H16 A1ECU B . 6.36 -1.46 -18.39
H18 A1ECU B . 6.30 -1.88 -15.43
H17 A1ECU B . 6.66 -3.03 -16.73
H19 A1ECU B . 4.57 -3.46 -18.16
H21 A1ECU B . 3.65 -4.27 -16.87
H20 A1ECU B . 5.42 -4.49 -16.99
H22 A1ECU B . 3.71 -1.38 -15.46
H23 A1ECU B . 2.94 -2.37 -16.72
H24 A1ECU B . 3.88 -1.12 -18.46
H25 A1ECU B . 3.33 0.08 -17.27
H26 A1ECU B . 6.68 2.07 -17.87
H27 A1ECU B . 7.60 1.16 -16.64
H29 A1ECU B . 7.87 3.18 -15.59
H28 A1ECU B . 6.56 3.95 -16.59
H30 A1ECU B . 7.92 1.27 -14.45
H31 A1ECU B . 11.33 0.40 -12.43
H32 A1ECU B . 10.59 1.71 -11.46
H33 A1ECU B . 10.58 1.80 -13.25
H34 A1ECU B . 7.54 5.12 -9.26
H35 A1ECU B . 6.32 6.62 -10.82
H36 A1ECU B . 4.46 8.06 -9.97
H37 A1ECU B . 3.80 8.01 -7.58
H40 A1ECU B . 3.41 8.52 -5.17
H39 A1ECU B . 2.90 7.33 -3.98
H38 A1ECU B . 2.43 7.13 -5.67
H7 A1ECU B . 6.57 3.32 -10.11
#